data_3ZWS
#
_entry.id   3ZWS
#
_cell.length_a   90.720
_cell.length_b   90.720
_cell.length_c   123.072
_cell.angle_alpha   90.00
_cell.angle_beta   90.00
_cell.angle_gamma   120.00
#
_symmetry.space_group_name_H-M   'P 32 2 1'
#
loop_
_entity.id
_entity.type
_entity.pdbx_description
1 polymer 'DIHYDROOROTATE DEHYDROGENASE (QUINONE), MITOCHONDRIAL'
2 non-polymer 'FLAVIN MONONUCLEOTIDE'
3 non-polymer 'OROTIC ACID'
4 non-polymer 'SULFATE ION'
5 non-polymer 'CHLORIDE ION'
6 non-polymer 2-[(2,5-DICHLOROBENZYL)SULFANYL]-5-METHYL[1,2,4]TRIAZOLO[1,5-A]PYRIMIDIN-7-OL
7 non-polymer 'ACETATE ION'
8 water water
#
_entity_poly.entity_id   1
_entity_poly.type   'polypeptide(L)'
_entity_poly.pdbx_seq_one_letter_code
;MATGDERFYAEHLMPTLQGLLDPESAHRLAVRFTSLGLLPRARFQDSDMLEVRVLGHKFRNPVGIAAGFDKHGEAVDGLY
KMGFGFVEIGSVTPKPQEGNPRPRVFRLPEDQAVINRYGFNSHGLSVVEHRLRARQQKQAKLTEDGLPLGVNLGKNKTSV
DAAEDYAEGVRVLGPLADYLVVNVSSPNTAGLRSLQGKAELRRLLTKVLQERDGLRRVHRPAVLVKIAPDLTSQDKEDIA
SVVKELGIDGLIVTNTTVSRPAGLQGALRSETGGLSGKPLRDLSTQTIREMYALTQGRVPIIGVGGVSSGQDALEKIRAG
ASLVQLYTALTFWGPPVVGKVKRELEALLKEQGFGGVTDAIGADHRR
;
_entity_poly.pdbx_strand_id   A
#
loop_
_chem_comp.id
_chem_comp.type
_chem_comp.name
_chem_comp.formula
ACT non-polymer 'ACETATE ION' 'C2 H3 O2 -1'
AVQ non-polymer 2-[(2,5-DICHLOROBENZYL)SULFANYL]-5-METHYL[1,2,4]TRIAZOLO[1,5-A]PYRIMIDIN-7-OL 'C13 H10 Cl2 N4 O S'
CL non-polymer 'CHLORIDE ION' 'Cl -1'
FMN non-polymer 'FLAVIN MONONUCLEOTIDE' 'C17 H21 N4 O9 P'
ORO non-polymer 'OROTIC ACID' 'C5 H4 N2 O4'
SO4 non-polymer 'SULFATE ION' 'O4 S -2'
#
# COMPACT_ATOMS: atom_id res chain seq x y z
N HIS A 12 10.98 -19.98 13.54
CA HIS A 12 12.25 -20.73 13.66
C HIS A 12 13.04 -20.79 12.34
N LEU A 13 12.44 -21.29 11.27
CA LEU A 13 13.12 -21.34 9.96
C LEU A 13 13.34 -19.92 9.40
N MET A 14 12.39 -19.03 9.65
CA MET A 14 12.49 -17.63 9.21
C MET A 14 13.54 -16.82 9.99
N PRO A 15 13.43 -16.75 11.34
CA PRO A 15 14.40 -15.94 12.08
C PRO A 15 15.85 -16.43 11.97
N THR A 16 16.04 -17.71 11.68
CA THR A 16 17.37 -18.27 11.42
C THR A 16 17.91 -17.74 10.10
N LEU A 17 17.14 -17.94 9.03
CA LEU A 17 17.49 -17.41 7.72
C LEU A 17 17.69 -15.89 7.73
N GLN A 18 16.96 -15.19 8.61
CA GLN A 18 17.04 -13.72 8.74
C GLN A 18 18.17 -13.24 9.66
N GLY A 19 18.50 -14.04 10.67
CA GLY A 19 19.70 -13.80 11.48
C GLY A 19 20.93 -14.13 10.65
N LEU A 20 20.77 -15.03 9.69
CA LEU A 20 21.85 -15.40 8.78
C LEU A 20 21.98 -14.46 7.59
N LEU A 21 20.89 -13.78 7.21
CA LEU A 21 20.90 -12.92 6.03
C LEU A 21 20.63 -11.46 6.40
N ASP A 22 21.28 -10.55 5.70
CA ASP A 22 20.93 -9.15 5.80
C ASP A 22 19.47 -8.98 5.31
N PRO A 23 18.79 -7.89 5.72
CA PRO A 23 17.36 -7.74 5.41
C PRO A 23 17.04 -7.78 3.91
N GLU A 24 17.87 -7.17 3.09
CA GLU A 24 17.62 -7.16 1.64
C GLU A 24 17.70 -8.57 1.06
N SER A 25 18.71 -9.35 1.47
CA SER A 25 18.77 -10.74 1.03
C SER A 25 17.57 -11.57 1.53
N ALA A 26 17.15 -11.33 2.77
CA ALA A 26 16.00 -12.00 3.30
C ALA A 26 14.75 -11.66 2.47
N HIS A 27 14.62 -10.39 2.12
CA HIS A 27 13.49 -9.98 1.27
C HIS A 27 13.49 -10.72 -0.07
N ARG A 28 14.65 -10.74 -0.71
CA ARG A 28 14.74 -11.39 -2.01
C ARG A 28 14.37 -12.85 -1.90
N LEU A 29 14.84 -13.52 -0.86
CA LEU A 29 14.48 -14.92 -0.65
C LEU A 29 12.99 -15.10 -0.40
N ALA A 30 12.39 -14.19 0.39
CA ALA A 30 10.98 -14.20 0.65
C ALA A 30 10.17 -14.04 -0.64
N VAL A 31 10.58 -13.15 -1.53
CA VAL A 31 9.87 -12.96 -2.80
C VAL A 31 9.96 -14.27 -3.61
N ARG A 32 11.16 -14.85 -3.66
CA ARG A 32 11.34 -16.11 -4.41
C ARG A 32 10.49 -17.26 -3.85
N PHE A 33 10.54 -17.46 -2.54
CA PHE A 33 9.75 -18.48 -1.85
C PHE A 33 8.25 -18.29 -2.09
N THR A 34 7.80 -17.05 -2.02
CA THR A 34 6.40 -16.76 -2.19
C THR A 34 6.02 -17.02 -3.65
N SER A 35 6.86 -16.57 -4.57
CA SER A 35 6.52 -16.71 -5.99
C SER A 35 6.40 -18.16 -6.42
N LEU A 36 7.19 -19.03 -5.78
CA LEU A 36 7.17 -20.47 -6.05
C LEU A 36 6.08 -21.23 -5.27
N GLY A 37 5.27 -20.52 -4.49
CA GLY A 37 4.21 -21.16 -3.72
C GLY A 37 4.69 -22.09 -2.61
N LEU A 38 5.82 -21.78 -1.99
CA LEU A 38 6.35 -22.53 -0.85
C LEU A 38 6.01 -21.79 0.45
N LEU A 39 4.83 -22.05 1.00
CA LEU A 39 4.33 -21.28 2.14
C LEU A 39 3.64 -22.19 3.15
N ALA A 42 -2.45 -21.08 3.58
CA ALA A 42 -3.46 -20.46 4.43
C ALA A 42 -4.66 -21.38 4.61
N ARG A 43 -4.85 -21.85 5.85
CA ARG A 43 -6.02 -22.66 6.21
C ARG A 43 -7.24 -21.78 6.49
N PHE A 44 -7.03 -20.62 7.12
CA PHE A 44 -8.14 -19.69 7.44
C PHE A 44 -9.01 -19.47 6.20
N GLN A 45 -10.32 -19.70 6.36
CA GLN A 45 -11.27 -19.50 5.27
C GLN A 45 -11.98 -18.23 5.61
N ASP A 46 -12.00 -17.29 4.69
CA ASP A 46 -12.55 -15.97 4.97
C ASP A 46 -14.06 -16.06 5.21
N SER A 47 -14.48 -15.53 6.34
CA SER A 47 -15.89 -15.28 6.66
C SER A 47 -16.55 -14.27 5.72
N ASP A 48 -17.85 -14.42 5.45
CA ASP A 48 -18.62 -13.36 4.79
C ASP A 48 -18.52 -12.00 5.50
N MET A 49 -18.29 -12.02 6.82
CA MET A 49 -18.15 -10.78 7.61
C MET A 49 -16.98 -9.91 7.12
N LEU A 50 -16.04 -10.52 6.43
CA LEU A 50 -14.81 -9.81 6.06
C LEU A 50 -14.88 -9.22 4.65
N GLU A 51 -15.93 -9.52 3.91
CA GLU A 51 -16.06 -8.97 2.55
C GLU A 51 -16.39 -7.47 2.56
N VAL A 52 -15.76 -6.74 1.67
CA VAL A 52 -15.93 -5.32 1.50
C VAL A 52 -16.12 -5.02 0.02
N ARG A 53 -17.11 -4.18 -0.33
CA ARG A 53 -17.28 -3.69 -1.69
C ARG A 53 -16.91 -2.23 -1.73
N VAL A 54 -15.83 -1.91 -2.46
CA VAL A 54 -15.33 -0.55 -2.60
C VAL A 54 -14.49 -0.43 -3.89
N LEU A 55 -14.27 0.79 -4.38
CA LEU A 55 -13.42 1.01 -5.56
C LEU A 55 -13.90 0.23 -6.79
N GLY A 56 -15.19 -0.09 -6.82
CA GLY A 56 -15.79 -0.82 -7.95
C GLY A 56 -15.49 -2.30 -7.96
N HIS A 57 -15.04 -2.82 -6.82
CA HIS A 57 -14.73 -4.22 -6.68
C HIS A 57 -15.20 -4.87 -5.34
N LYS A 58 -15.35 -6.19 -5.38
CA LYS A 58 -15.48 -7.01 -4.19
C LYS A 58 -14.10 -7.40 -3.69
N PHE A 59 -13.89 -7.28 -2.37
CA PHE A 59 -12.70 -7.76 -1.71
C PHE A 59 -13.08 -8.85 -0.74
N ARG A 60 -12.59 -10.06 -0.92
CA ARG A 60 -13.02 -11.15 -0.06
C ARG A 60 -12.64 -10.95 1.42
N ASN A 61 -11.53 -10.26 1.64
CA ASN A 61 -11.19 -9.79 2.98
C ASN A 61 -10.45 -8.46 2.82
N PRO A 62 -10.36 -7.67 3.88
CA PRO A 62 -9.86 -6.31 3.77
C PRO A 62 -8.35 -6.18 4.01
N VAL A 63 -7.60 -7.27 4.05
CA VAL A 63 -6.19 -7.23 4.42
C VAL A 63 -5.32 -7.45 3.20
N GLY A 64 -4.61 -6.41 2.78
CA GLY A 64 -3.77 -6.47 1.61
C GLY A 64 -2.30 -6.37 1.95
N ILE A 65 -1.47 -6.82 1.02
CA ILE A 65 -0.04 -6.62 1.06
C ILE A 65 0.30 -5.25 0.50
N ALA A 66 0.99 -4.46 1.32
CA ALA A 66 1.38 -3.11 0.96
C ALA A 66 2.43 -3.11 -0.14
N ALA A 67 2.48 -2.02 -0.89
CA ALA A 67 3.56 -1.77 -1.85
C ALA A 67 4.92 -1.93 -1.22
N GLY A 68 5.85 -2.41 -2.02
CA GLY A 68 7.24 -2.54 -1.59
C GLY A 68 7.70 -3.98 -1.41
N PHE A 69 6.79 -4.86 -1.01
CA PHE A 69 7.12 -6.27 -0.87
C PHE A 69 7.37 -6.87 -2.26
N ASP A 70 6.42 -6.65 -3.16
CA ASP A 70 6.55 -7.21 -4.54
C ASP A 70 6.63 -6.01 -5.47
N LYS A 71 7.80 -5.43 -5.55
CA LYS A 71 8.03 -4.22 -6.35
C LYS A 71 7.80 -4.48 -7.84
N HIS A 72 8.10 -5.69 -8.28
CA HIS A 72 8.14 -5.96 -9.74
C HIS A 72 7.10 -6.96 -10.23
N GLY A 73 6.10 -7.29 -9.43
CA GLY A 73 5.00 -8.13 -9.81
C GLY A 73 5.38 -9.61 -10.03
N GLU A 74 6.30 -10.10 -9.22
CA GLU A 74 6.82 -11.48 -9.31
C GLU A 74 6.12 -12.51 -8.45
N ALA A 75 5.33 -12.07 -7.47
CA ALA A 75 4.84 -12.97 -6.41
C ALA A 75 3.35 -12.85 -6.17
N VAL A 76 2.62 -12.30 -7.13
CA VAL A 76 1.22 -11.96 -6.93
C VAL A 76 0.40 -13.20 -6.52
N ASP A 77 0.51 -14.30 -7.28
CA ASP A 77 -0.26 -15.45 -6.97
C ASP A 77 0.07 -16.06 -5.60
N GLY A 78 1.34 -16.08 -5.25
CA GLY A 78 1.80 -16.57 -3.95
C GLY A 78 1.23 -15.74 -2.82
N LEU A 79 1.10 -14.45 -3.07
CA LEU A 79 0.52 -13.56 -2.07
C LEU A 79 -0.94 -13.81 -1.83
N TYR A 80 -1.73 -14.07 -2.88
CA TYR A 80 -3.10 -14.47 -2.65
C TYR A 80 -3.13 -15.81 -1.89
N LYS A 81 -2.22 -16.71 -2.21
CA LYS A 81 -2.15 -18.00 -1.51
C LYS A 81 -1.91 -17.80 0.00
N MET A 82 -1.18 -16.74 0.33
CA MET A 82 -0.85 -16.40 1.72
C MET A 82 -2.09 -15.90 2.49
N GLY A 83 -3.13 -15.49 1.77
CA GLY A 83 -4.40 -15.13 2.40
C GLY A 83 -4.77 -13.67 2.27
N PHE A 84 -3.95 -12.92 1.55
CA PHE A 84 -4.26 -11.50 1.31
C PHE A 84 -5.51 -11.37 0.46
N GLY A 85 -6.37 -10.44 0.84
CA GLY A 85 -7.61 -10.15 0.10
C GLY A 85 -7.39 -9.37 -1.17
N PHE A 86 -6.22 -8.72 -1.25
CA PHE A 86 -5.84 -7.93 -2.42
C PHE A 86 -4.34 -7.76 -2.40
N VAL A 87 -3.77 -7.57 -3.58
CA VAL A 87 -2.35 -7.44 -3.74
C VAL A 87 -2.03 -6.12 -4.40
N GLU A 88 -1.06 -5.39 -3.89
CA GLU A 88 -0.56 -4.19 -4.54
C GLU A 88 0.90 -4.41 -4.88
N ILE A 89 1.25 -4.26 -6.15
CA ILE A 89 2.64 -4.34 -6.54
C ILE A 89 3.23 -2.98 -6.79
N GLY A 90 4.56 -2.90 -6.84
CA GLY A 90 5.27 -1.63 -7.06
C GLY A 90 5.95 -1.13 -5.80
N SER A 91 6.49 0.09 -5.84
CA SER A 91 6.35 1.06 -6.94
C SER A 91 7.12 0.64 -8.20
N VAL A 92 6.49 0.88 -9.35
CA VAL A 92 7.12 0.69 -10.66
C VAL A 92 7.46 2.00 -11.29
N THR A 93 8.68 2.15 -11.79
CA THR A 93 9.10 3.38 -12.46
C THR A 93 9.09 3.16 -13.99
N PRO A 94 9.04 4.24 -14.77
CA PRO A 94 8.93 4.02 -16.24
C PRO A 94 10.10 3.24 -16.81
N LYS A 95 11.30 3.71 -16.57
CA LYS A 95 12.52 3.01 -17.00
C LYS A 95 13.05 2.18 -15.86
N PRO A 96 13.75 1.08 -16.13
CA PRO A 96 14.40 0.37 -15.05
C PRO A 96 15.40 1.24 -14.35
N GLN A 97 15.54 1.06 -13.04
CA GLN A 97 16.60 1.73 -12.30
C GLN A 97 16.97 0.95 -11.06
N GLU A 98 18.21 1.16 -10.64
CA GLU A 98 18.80 0.32 -9.62
C GLU A 98 18.43 0.70 -8.20
N GLY A 99 18.03 1.93 -7.99
CA GLY A 99 17.81 2.43 -6.62
C GLY A 99 19.11 2.84 -5.94
N ASN A 100 19.04 3.05 -4.64
CA ASN A 100 20.22 3.49 -3.89
C ASN A 100 21.24 2.42 -3.66
N PRO A 101 22.49 2.85 -3.37
CA PRO A 101 23.51 1.91 -3.03
C PRO A 101 23.20 1.22 -1.74
N ARG A 102 23.74 0.03 -1.58
CA ARG A 102 23.58 -0.69 -0.36
C ARG A 102 24.56 -0.16 0.69
N PRO A 103 24.28 -0.43 1.97
CA PRO A 103 23.05 -1.08 2.52
C PRO A 103 21.92 -0.07 2.49
N ARG A 104 20.68 -0.55 2.32
CA ARG A 104 19.55 0.37 2.14
C ARG A 104 18.30 -0.08 2.85
N VAL A 105 18.40 -1.09 3.69
CA VAL A 105 17.27 -1.61 4.50
CA VAL A 105 17.28 -1.51 4.52
C VAL A 105 17.82 -2.10 5.83
N PHE A 106 17.13 -1.78 6.92
CA PHE A 106 17.64 -1.98 8.26
C PHE A 106 16.53 -2.43 9.17
N ARG A 107 16.78 -3.47 9.95
CA ARG A 107 15.81 -3.91 10.94
C ARG A 107 16.06 -3.26 12.27
N LEU A 108 14.96 -2.93 12.98
CA LEU A 108 15.01 -2.36 14.33
C LEU A 108 14.18 -3.32 15.18
N PRO A 109 14.78 -4.47 15.54
CA PRO A 109 13.95 -5.51 16.15
C PRO A 109 13.34 -5.11 17.50
N GLU A 110 14.07 -4.33 18.28
CA GLU A 110 13.58 -3.84 19.58
C GLU A 110 12.36 -2.93 19.43
N ASP A 111 12.14 -2.40 18.23
CA ASP A 111 11.02 -1.49 17.95
C ASP A 111 9.93 -2.12 17.07
N GLN A 112 10.12 -3.37 16.65
CA GLN A 112 9.28 -4.02 15.64
C GLN A 112 9.12 -3.07 14.45
N ALA A 113 10.22 -2.53 13.98
CA ALA A 113 10.24 -1.53 12.92
C ALA A 113 11.30 -1.86 11.89
N VAL A 114 11.18 -1.21 10.75
CA VAL A 114 12.18 -1.24 9.68
C VAL A 114 12.42 0.18 9.21
N ILE A 115 13.65 0.46 8.75
CA ILE A 115 13.97 1.68 8.03
C ILE A 115 14.47 1.28 6.65
N ASN A 116 13.90 1.85 5.61
CA ASN A 116 14.38 1.60 4.24
C ASN A 116 14.65 2.86 3.47
N ARG A 117 15.64 2.77 2.57
CA ARG A 117 15.95 3.84 1.64
C ARG A 117 16.26 3.19 0.28
N TYR A 118 15.35 2.34 -0.17
CA TYR A 118 15.60 1.66 -1.45
C TYR A 118 15.77 2.63 -2.61
N GLY A 119 14.98 3.69 -2.67
CA GLY A 119 15.01 4.65 -3.75
C GLY A 119 14.40 4.14 -5.06
N PHE A 120 13.31 3.39 -4.98
CA PHE A 120 12.57 2.92 -6.19
C PHE A 120 13.47 2.09 -7.10
N ASN A 121 14.10 1.07 -6.54
CA ASN A 121 14.62 -0.01 -7.37
C ASN A 121 13.47 -0.63 -8.14
N SER A 122 13.57 -0.69 -9.47
CA SER A 122 12.43 -1.12 -10.26
C SER A 122 12.89 -1.76 -11.56
N HIS A 123 12.29 -2.89 -11.88
CA HIS A 123 12.48 -3.51 -13.22
C HIS A 123 11.94 -2.63 -14.37
N GLY A 124 11.11 -1.63 -14.07
CA GLY A 124 10.53 -0.79 -15.09
C GLY A 124 9.22 -1.28 -15.66
N LEU A 125 8.51 -0.36 -16.29
CA LEU A 125 7.16 -0.62 -16.77
C LEU A 125 7.08 -1.78 -17.78
N SER A 126 8.01 -1.82 -18.73
CA SER A 126 7.96 -2.85 -19.79
CA SER A 126 7.93 -2.84 -19.78
C SER A 126 8.05 -4.24 -19.19
N VAL A 127 9.03 -4.45 -18.31
CA VAL A 127 9.16 -5.77 -17.68
C VAL A 127 7.93 -6.15 -16.89
N VAL A 128 7.40 -5.20 -16.10
CA VAL A 128 6.24 -5.52 -15.30
C VAL A 128 4.99 -5.76 -16.16
N GLU A 129 4.84 -4.97 -17.23
CA GLU A 129 3.75 -5.13 -18.19
C GLU A 129 3.71 -6.57 -18.71
N HIS A 130 4.87 -7.03 -19.16
CA HIS A 130 4.94 -8.36 -19.71
C HIS A 130 4.68 -9.44 -18.67
N ARG A 131 5.11 -9.21 -17.43
CA ARG A 131 4.85 -10.16 -16.36
C ARG A 131 3.36 -10.26 -16.03
N LEU A 132 2.66 -9.10 -15.96
CA LEU A 132 1.26 -9.12 -15.69
C LEU A 132 0.47 -9.68 -16.88
N ARG A 133 0.91 -9.37 -18.08
CA ARG A 133 0.20 -9.88 -19.27
C ARG A 133 0.21 -11.41 -19.32
N ALA A 134 1.29 -12.00 -18.84
CA ALA A 134 1.41 -13.47 -18.85
C ALA A 134 0.36 -14.17 -17.98
N ARG A 135 -0.22 -13.45 -17.01
CA ARG A 135 -1.25 -14.00 -16.13
C ARG A 135 -2.50 -13.14 -16.10
N GLN A 136 -2.74 -12.38 -17.17
CA GLN A 136 -3.81 -11.40 -17.19
C GLN A 136 -5.19 -12.02 -17.01
N GLN A 137 -5.47 -13.15 -17.67
CA GLN A 137 -6.79 -13.74 -17.52
C GLN A 137 -6.98 -14.46 -16.19
N LYS A 138 -5.90 -15.01 -15.66
CA LYS A 138 -5.88 -15.55 -14.29
C LYS A 138 -6.28 -14.42 -13.34
N GLN A 139 -5.68 -13.25 -13.53
CA GLN A 139 -6.06 -12.13 -12.66
C GLN A 139 -7.50 -11.69 -12.86
N ALA A 140 -8.00 -11.70 -14.10
CA ALA A 140 -9.35 -11.32 -14.28
C ALA A 140 -10.30 -12.21 -13.49
N LYS A 141 -9.98 -13.51 -13.44
CA LYS A 141 -10.79 -14.45 -12.69
C LYS A 141 -10.67 -14.23 -11.17
N LEU A 142 -9.44 -13.96 -10.73
CA LEU A 142 -9.18 -13.65 -9.31
C LEU A 142 -9.97 -12.41 -8.89
N THR A 143 -9.92 -11.35 -9.67
CA THR A 143 -10.65 -10.11 -9.38
C THR A 143 -12.16 -10.37 -9.29
N GLU A 144 -12.68 -11.12 -10.26
CA GLU A 144 -14.10 -11.48 -10.22
CA GLU A 144 -14.08 -11.54 -10.25
C GLU A 144 -14.46 -12.30 -8.98
N ASP A 145 -13.51 -13.07 -8.47
CA ASP A 145 -13.67 -13.90 -7.29
CA ASP A 145 -13.71 -13.89 -7.28
C ASP A 145 -13.39 -13.12 -5.98
N GLY A 146 -13.19 -11.81 -6.08
CA GLY A 146 -12.99 -10.99 -4.87
C GLY A 146 -11.54 -10.76 -4.46
N LEU A 147 -10.62 -10.92 -5.41
CA LEU A 147 -9.18 -10.78 -5.13
C LEU A 147 -8.52 -9.78 -6.10
N PRO A 148 -8.73 -8.47 -5.89
CA PRO A 148 -8.24 -7.48 -6.82
C PRO A 148 -6.75 -7.22 -6.75
N LEU A 149 -6.27 -6.56 -7.80
CA LEU A 149 -4.88 -6.21 -7.99
C LEU A 149 -4.71 -4.70 -8.14
N GLY A 150 -3.84 -4.13 -7.30
CA GLY A 150 -3.42 -2.75 -7.42
C GLY A 150 -2.01 -2.65 -7.98
N VAL A 151 -1.73 -1.57 -8.69
CA VAL A 151 -0.40 -1.27 -9.24
C VAL A 151 0.00 0.13 -8.80
N ASN A 152 1.15 0.23 -8.15
CA ASN A 152 1.63 1.48 -7.54
C ASN A 152 2.74 2.03 -8.43
N LEU A 153 2.53 3.26 -8.86
CA LEU A 153 3.39 3.97 -9.79
C LEU A 153 4.34 4.93 -9.13
N GLY A 154 5.61 4.89 -9.51
CA GLY A 154 6.62 5.86 -9.13
C GLY A 154 7.20 6.64 -10.30
N LYS A 155 8.28 7.36 -9.99
CA LYS A 155 8.93 8.21 -10.98
C LYS A 155 10.41 7.93 -10.97
N ASN A 156 11.06 7.99 -12.13
CA ASN A 156 12.47 7.76 -12.19
C ASN A 156 13.24 8.92 -11.53
N LYS A 157 14.41 8.56 -11.01
CA LYS A 157 15.30 9.50 -10.33
C LYS A 157 15.66 10.69 -11.20
N THR A 158 16.02 10.44 -12.44
CA THR A 158 16.51 11.51 -13.34
C THR A 158 15.45 12.01 -14.29
N SER A 159 14.18 11.77 -13.96
CA SER A 159 13.07 12.27 -14.77
C SER A 159 12.96 13.78 -14.68
N VAL A 160 12.77 14.41 -15.85
CA VAL A 160 12.64 15.86 -15.94
C VAL A 160 11.16 16.32 -16.07
N ASP A 161 10.20 15.44 -15.82
CA ASP A 161 8.77 15.74 -15.92
C ASP A 161 8.02 14.64 -15.16
N ALA A 162 7.78 14.89 -13.88
CA ALA A 162 7.19 13.87 -13.01
C ALA A 162 5.84 13.41 -13.53
N ALA A 163 5.01 14.38 -13.90
CA ALA A 163 3.67 14.05 -14.35
C ALA A 163 3.73 13.13 -15.57
N GLU A 164 4.70 13.31 -16.46
CA GLU A 164 4.78 12.45 -17.61
C GLU A 164 5.17 11.02 -17.20
N ASP A 165 6.04 10.89 -16.20
CA ASP A 165 6.34 9.53 -15.69
C ASP A 165 5.06 8.83 -15.20
N TYR A 166 4.24 9.52 -14.42
CA TYR A 166 3.01 8.91 -13.91
C TYR A 166 2.03 8.60 -15.06
N ALA A 167 1.92 9.54 -15.99
CA ALA A 167 1.10 9.32 -17.17
C ALA A 167 1.50 8.07 -17.92
N GLU A 168 2.81 7.87 -18.10
CA GLU A 168 3.32 6.68 -18.78
CA GLU A 168 3.30 6.67 -18.79
C GLU A 168 2.88 5.42 -18.02
N GLY A 169 2.98 5.47 -16.69
CA GLY A 169 2.51 4.34 -15.90
C GLY A 169 1.06 4.02 -16.06
N VAL A 170 0.22 5.07 -16.12
CA VAL A 170 -1.20 4.88 -16.34
C VAL A 170 -1.42 4.19 -17.68
N ARG A 171 -0.77 4.68 -18.70
CA ARG A 171 -1.02 4.12 -20.02
CA ARG A 171 -0.91 4.14 -20.06
C ARG A 171 -0.53 2.66 -20.15
N VAL A 172 0.60 2.33 -19.51
CA VAL A 172 1.19 0.98 -19.67
C VAL A 172 0.58 -0.05 -18.70
N LEU A 173 0.47 0.29 -17.41
CA LEU A 173 -0.07 -0.64 -16.45
C LEU A 173 -1.51 -0.42 -16.00
N GLY A 174 -2.08 0.77 -16.27
CA GLY A 174 -3.49 0.97 -16.02
C GLY A 174 -4.43 -0.10 -16.56
N PRO A 175 -4.17 -0.55 -17.81
CA PRO A 175 -5.04 -1.57 -18.35
C PRO A 175 -4.96 -2.95 -17.73
N LEU A 176 -3.98 -3.17 -16.85
CA LEU A 176 -3.74 -4.44 -16.21
C LEU A 176 -4.08 -4.40 -14.71
N ALA A 177 -4.61 -3.27 -14.25
CA ALA A 177 -4.81 -3.03 -12.80
C ALA A 177 -6.28 -2.76 -12.44
N ASP A 178 -6.72 -3.21 -11.28
CA ASP A 178 -8.01 -2.80 -10.76
C ASP A 178 -7.94 -1.41 -10.16
N TYR A 179 -6.79 -1.07 -9.58
CA TYR A 179 -6.57 0.31 -9.14
C TYR A 179 -5.12 0.65 -9.34
N LEU A 180 -4.88 1.92 -9.57
CA LEU A 180 -3.56 2.49 -9.64
C LEU A 180 -3.29 3.39 -8.45
N VAL A 181 -2.04 3.47 -8.05
CA VAL A 181 -1.64 4.37 -6.96
C VAL A 181 -0.63 5.35 -7.45
N VAL A 182 -0.94 6.64 -7.30
CA VAL A 182 0.01 7.71 -7.57
C VAL A 182 0.75 7.89 -6.29
N ASN A 183 1.95 7.31 -6.24
CA ASN A 183 2.80 7.41 -5.08
C ASN A 183 3.62 8.68 -5.08
N VAL A 184 3.13 9.69 -4.34
CA VAL A 184 3.85 10.94 -4.20
C VAL A 184 4.42 11.09 -2.76
N SER A 185 4.67 9.98 -2.08
CA SER A 185 5.04 10.05 -0.64
C SER A 185 6.24 9.21 -0.25
N SER A 186 7.00 8.64 -1.22
CA SER A 186 8.27 8.03 -0.85
C SER A 186 9.20 9.09 -0.25
N PRO A 187 9.82 8.77 0.89
CA PRO A 187 10.80 9.71 1.41
C PRO A 187 12.17 9.58 0.79
N ASN A 188 12.31 8.68 -0.20
CA ASN A 188 13.62 8.27 -0.71
C ASN A 188 13.90 8.69 -2.16
N THR A 189 13.07 9.60 -2.69
CA THR A 189 13.31 10.21 -4.01
C THR A 189 13.22 11.72 -3.84
N ALA A 190 14.34 12.39 -4.14
CA ALA A 190 14.49 13.83 -3.93
C ALA A 190 13.38 14.56 -4.64
N GLY A 191 12.72 15.46 -3.93
CA GLY A 191 11.68 16.28 -4.51
C GLY A 191 10.31 15.64 -4.61
N LEU A 192 10.22 14.32 -4.44
CA LEU A 192 8.94 13.62 -4.71
C LEU A 192 7.78 14.10 -3.82
N ARG A 193 8.06 14.28 -2.53
CA ARG A 193 7.00 14.58 -1.60
C ARG A 193 6.43 15.99 -1.81
N SER A 194 7.16 16.85 -2.51
CA SER A 194 6.64 18.17 -2.88
C SER A 194 5.47 18.07 -3.87
N LEU A 195 5.32 16.93 -4.53
CA LEU A 195 4.18 16.71 -5.42
C LEU A 195 2.87 16.59 -4.66
N GLN A 196 2.95 16.47 -3.32
CA GLN A 196 1.75 16.49 -2.50
C GLN A 196 1.20 17.91 -2.27
N GLY A 197 1.99 18.92 -2.60
CA GLY A 197 1.53 20.32 -2.50
C GLY A 197 0.34 20.60 -3.39
N LYS A 198 -0.54 21.51 -2.97
CA LYS A 198 -1.83 21.69 -3.65
C LYS A 198 -1.74 21.86 -5.18
N ALA A 199 -0.96 22.84 -5.61
CA ALA A 199 -0.85 23.19 -7.03
C ALA A 199 -0.24 22.05 -7.83
N GLU A 200 0.88 21.51 -7.33
CA GLU A 200 1.58 20.38 -7.99
C GLU A 200 0.70 19.16 -8.05
N LEU A 201 0.01 18.87 -6.96
CA LEU A 201 -0.87 17.71 -6.94
C LEU A 201 -2.03 17.90 -7.91
N ARG A 202 -2.64 19.08 -7.95
CA ARG A 202 -3.78 19.28 -8.83
C ARG A 202 -3.36 19.08 -10.27
N ARG A 203 -2.23 19.66 -10.64
CA ARG A 203 -1.73 19.53 -12.02
C ARG A 203 -1.42 18.07 -12.34
N LEU A 204 -0.70 17.40 -11.44
CA LEU A 204 -0.32 16.01 -11.64
C LEU A 204 -1.55 15.13 -11.77
N LEU A 205 -2.49 15.28 -10.84
CA LEU A 205 -3.62 14.37 -10.81
C LEU A 205 -4.59 14.64 -11.99
N THR A 206 -4.72 15.90 -12.39
CA THR A 206 -5.53 16.21 -13.60
C THR A 206 -5.01 15.40 -14.79
N LYS A 207 -3.70 15.42 -14.99
CA LYS A 207 -3.07 14.70 -16.10
C LYS A 207 -3.28 13.19 -15.94
N VAL A 208 -3.02 12.69 -14.74
CA VAL A 208 -3.23 11.28 -14.46
C VAL A 208 -4.67 10.82 -14.74
N LEU A 209 -5.67 11.57 -14.28
CA LEU A 209 -7.05 11.21 -14.48
C LEU A 209 -7.44 11.31 -15.97
N GLN A 210 -6.91 12.30 -16.68
CA GLN A 210 -7.15 12.44 -18.13
CA GLN A 210 -7.19 12.41 -18.11
C GLN A 210 -6.69 11.15 -18.82
N GLU A 211 -5.48 10.72 -18.47
CA GLU A 211 -4.90 9.54 -19.10
C GLU A 211 -5.73 8.32 -18.75
N ARG A 212 -6.17 8.16 -17.48
CA ARG A 212 -6.95 7.05 -17.09
C ARG A 212 -8.29 6.99 -17.83
N ASP A 213 -8.92 8.16 -17.96
CA ASP A 213 -10.24 8.24 -18.56
C ASP A 213 -10.18 7.90 -20.07
N GLY A 214 -9.00 8.03 -20.64
CA GLY A 214 -8.75 7.65 -22.05
C GLY A 214 -8.63 6.17 -22.29
N LEU A 215 -8.54 5.36 -21.24
CA LEU A 215 -8.51 3.89 -21.40
C LEU A 215 -9.90 3.33 -21.63
N ARG A 216 -9.97 2.26 -22.42
CA ARG A 216 -11.21 1.56 -22.66
C ARG A 216 -11.84 1.09 -21.36
N ARG A 217 -13.17 1.11 -21.32
CA ARG A 217 -13.92 0.93 -20.07
C ARG A 217 -13.55 -0.28 -19.25
N VAL A 218 -13.41 -1.45 -19.87
CA VAL A 218 -13.09 -2.64 -19.08
C VAL A 218 -11.62 -2.66 -18.60
N HIS A 219 -10.81 -1.70 -19.08
CA HIS A 219 -9.42 -1.54 -18.70
C HIS A 219 -9.16 -0.25 -17.95
N ARG A 220 -10.21 0.30 -17.35
CA ARG A 220 -10.11 1.60 -16.71
C ARG A 220 -10.04 1.44 -15.18
N PRO A 221 -8.85 1.63 -14.59
CA PRO A 221 -8.73 1.42 -13.14
C PRO A 221 -9.18 2.61 -12.31
N ALA A 222 -9.45 2.34 -11.03
CA ALA A 222 -9.60 3.38 -10.05
C ALA A 222 -8.23 3.99 -9.84
N VAL A 223 -8.22 5.27 -9.44
CA VAL A 223 -6.96 5.98 -9.18
C VAL A 223 -6.96 6.48 -7.74
N LEU A 224 -5.93 6.07 -7.01
CA LEU A 224 -5.75 6.48 -5.61
C LEU A 224 -4.45 7.24 -5.48
N VAL A 225 -4.35 8.11 -4.45
CA VAL A 225 -3.12 8.84 -4.16
C VAL A 225 -2.59 8.36 -2.80
N LYS A 226 -1.32 8.00 -2.73
CA LYS A 226 -0.69 7.55 -1.48
C LYS A 226 0.09 8.68 -0.85
N ILE A 227 -0.26 8.98 0.40
CA ILE A 227 0.26 10.14 1.08
C ILE A 227 1.11 9.75 2.28
N ALA A 228 1.94 10.72 2.65
CA ALA A 228 2.83 10.60 3.77
C ALA A 228 2.12 10.74 5.11
N PRO A 229 2.78 10.26 6.19
CA PRO A 229 2.29 10.45 7.56
C PRO A 229 2.84 11.75 8.18
N ASP A 230 3.65 12.50 7.45
CA ASP A 230 4.41 13.66 7.96
C ASP A 230 3.85 15.01 7.47
N LEU A 231 2.62 15.01 7.05
CA LEU A 231 2.08 16.19 6.40
C LEU A 231 1.66 17.19 7.45
N THR A 232 1.70 18.47 7.10
CA THR A 232 1.10 19.48 7.96
C THR A 232 -0.43 19.46 7.83
N SER A 233 -1.12 20.11 8.77
CA SER A 233 -2.55 20.29 8.66
C SER A 233 -2.94 20.97 7.36
N GLN A 234 -2.16 21.98 6.93
CA GLN A 234 -2.44 22.66 5.67
C GLN A 234 -2.33 21.70 4.48
N ASP A 235 -1.31 20.84 4.52
CA ASP A 235 -1.07 19.90 3.44
C ASP A 235 -2.30 18.95 3.34
N LYS A 236 -2.74 18.45 4.48
CA LYS A 236 -3.86 17.52 4.51
C LYS A 236 -5.14 18.16 3.99
N GLU A 237 -5.39 19.38 4.44
CA GLU A 237 -6.61 20.09 3.99
CA GLU A 237 -6.56 20.14 4.00
C GLU A 237 -6.55 20.33 2.47
N ASP A 238 -5.38 20.67 1.95
CA ASP A 238 -5.18 20.86 0.51
C ASP A 238 -5.42 19.57 -0.27
N ILE A 239 -4.87 18.48 0.23
CA ILE A 239 -5.06 17.22 -0.45
C ILE A 239 -6.53 16.81 -0.51
N ALA A 240 -7.23 16.95 0.61
CA ALA A 240 -8.64 16.67 0.67
C ALA A 240 -9.39 17.51 -0.37
N SER A 241 -9.10 18.80 -0.43
CA SER A 241 -9.75 19.71 -1.37
C SER A 241 -9.54 19.25 -2.83
N VAL A 242 -8.29 18.92 -3.15
CA VAL A 242 -7.96 18.50 -4.52
C VAL A 242 -8.63 17.16 -4.87
N VAL A 243 -8.59 16.22 -3.95
CA VAL A 243 -9.23 14.92 -4.17
C VAL A 243 -10.71 15.07 -4.47
N LYS A 244 -11.37 15.94 -3.72
CA LYS A 244 -12.80 16.17 -3.94
C LYS A 244 -13.05 16.93 -5.23
N GLU A 245 -12.24 17.94 -5.53
CA GLU A 245 -12.39 18.76 -6.74
C GLU A 245 -12.27 17.88 -8.01
N LEU A 246 -11.30 16.96 -7.98
CA LEU A 246 -11.02 16.16 -9.16
C LEU A 246 -11.74 14.81 -9.24
N GLY A 247 -12.34 14.35 -8.16
CA GLY A 247 -13.00 13.07 -8.15
C GLY A 247 -12.04 11.90 -8.08
N ILE A 248 -10.92 12.12 -7.39
CA ILE A 248 -9.97 11.01 -7.12
C ILE A 248 -10.70 9.89 -6.38
N ASP A 249 -10.42 8.63 -6.73
CA ASP A 249 -11.21 7.50 -6.29
C ASP A 249 -10.94 7.09 -4.84
N GLY A 250 -9.73 7.38 -4.37
CA GLY A 250 -9.38 6.98 -3.02
C GLY A 250 -8.01 7.45 -2.62
N LEU A 251 -7.68 7.19 -1.34
CA LEU A 251 -6.42 7.55 -0.72
C LEU A 251 -5.80 6.33 -0.06
N ILE A 252 -4.47 6.23 -0.12
CA ILE A 252 -3.72 5.26 0.65
C ILE A 252 -2.96 6.05 1.70
N VAL A 253 -3.18 5.66 2.96
CA VAL A 253 -2.79 6.49 4.11
C VAL A 253 -2.22 5.49 5.13
N THR A 254 -0.89 5.34 5.29
CA THR A 254 0.18 6.23 4.85
C THR A 254 1.39 5.45 4.37
N ASN A 255 2.28 6.18 3.74
CA ASN A 255 3.66 5.72 3.46
C ASN A 255 4.46 5.70 4.79
N THR A 256 5.75 5.46 4.67
CA THR A 256 6.65 5.46 5.82
C THR A 256 6.88 6.88 6.31
N THR A 257 7.41 6.99 7.53
CA THR A 257 7.67 8.28 8.16
C THR A 257 9.17 8.64 8.17
N VAL A 258 9.46 9.91 7.89
CA VAL A 258 10.81 10.46 8.06
C VAL A 258 11.03 10.91 9.47
N SER A 259 9.99 10.84 10.31
CA SER A 259 10.17 11.13 11.72
C SER A 259 10.90 9.98 12.41
N ARG A 260 11.40 10.27 13.61
CA ARG A 260 11.97 9.26 14.48
C ARG A 260 11.39 9.48 15.85
N PRO A 261 10.25 8.83 16.11
CA PRO A 261 9.51 9.04 17.36
C PRO A 261 10.40 8.83 18.52
N ALA A 262 10.17 9.63 19.55
CA ALA A 262 10.91 9.41 20.74
C ALA A 262 10.61 7.97 21.22
N GLY A 263 11.62 7.34 21.76
CA GLY A 263 11.49 6.01 22.29
C GLY A 263 12.10 4.88 21.46
N LEU A 264 12.44 5.14 20.20
CA LEU A 264 13.09 4.09 19.43
C LEU A 264 14.37 3.59 20.11
N GLN A 265 14.49 2.29 20.16
CA GLN A 265 15.65 1.61 20.79
C GLN A 265 16.66 1.00 19.85
N GLY A 266 16.23 0.66 18.64
CA GLY A 266 17.14 0.00 17.69
C GLY A 266 18.43 0.78 17.50
N ALA A 267 19.52 0.02 17.41
CA ALA A 267 20.81 0.62 17.13
C ALA A 267 20.86 1.43 15.84
N LEU A 268 20.01 1.05 14.89
CA LEU A 268 20.02 1.63 13.55
C LEU A 268 18.97 2.73 13.36
N ARG A 269 18.41 3.22 14.46
CA ARG A 269 17.35 4.24 14.42
C ARG A 269 17.69 5.51 13.69
N SER A 270 18.98 5.88 13.60
CA SER A 270 19.38 7.09 12.93
C SER A 270 19.82 6.90 11.49
N GLU A 271 19.62 5.71 10.94
CA GLU A 271 19.79 5.51 9.50
C GLU A 271 18.78 6.39 8.74
N THR A 272 19.20 6.96 7.62
CA THR A 272 18.31 7.68 6.71
C THR A 272 17.30 6.73 6.07
N GLY A 273 16.07 7.22 5.97
CA GLY A 273 15.02 6.48 5.24
C GLY A 273 13.66 6.59 5.87
N GLY A 274 12.72 5.84 5.34
CA GLY A 274 11.40 5.77 5.88
C GLY A 274 11.29 4.69 6.92
N LEU A 275 10.67 5.05 8.06
CA LEU A 275 10.39 4.14 9.14
C LEU A 275 8.99 3.54 9.03
N SER A 276 8.91 2.24 9.20
CA SER A 276 7.67 1.47 9.16
C SER A 276 7.49 0.62 10.41
N GLY A 277 6.36 -0.08 10.52
CA GLY A 277 6.13 -0.95 11.65
C GLY A 277 5.50 -0.26 12.83
N LYS A 278 5.66 -0.86 14.01
CA LYS A 278 4.88 -0.40 15.18
C LYS A 278 5.01 1.09 15.48
N PRO A 279 6.21 1.69 15.38
CA PRO A 279 6.28 3.13 15.73
C PRO A 279 5.51 4.06 14.83
N LEU A 280 5.19 3.60 13.63
CA LEU A 280 4.36 4.35 12.70
C LEU A 280 2.85 4.18 12.92
N ARG A 281 2.45 3.13 13.61
CA ARG A 281 1.06 2.67 13.62
C ARG A 281 0.08 3.81 13.91
N ASP A 282 0.24 4.46 15.05
CA ASP A 282 -0.77 5.43 15.49
C ASP A 282 -0.70 6.77 14.78
N LEU A 283 0.47 7.13 14.30
CA LEU A 283 0.59 8.27 13.43
C LEU A 283 -0.21 8.03 12.16
N SER A 284 -0.12 6.82 11.61
CA SER A 284 -0.92 6.48 10.41
CA SER A 284 -0.92 6.47 10.42
C SER A 284 -2.42 6.46 10.72
N THR A 285 -2.82 5.83 11.82
CA THR A 285 -4.24 5.80 12.21
C THR A 285 -4.82 7.21 12.30
N GLN A 286 -4.09 8.10 12.97
CA GLN A 286 -4.54 9.48 13.13
CA GLN A 286 -4.51 9.49 13.13
C GLN A 286 -4.63 10.22 11.81
N THR A 287 -3.75 9.91 10.86
CA THR A 287 -3.80 10.51 9.53
C THR A 287 -5.03 10.02 8.78
N ILE A 288 -5.35 8.74 8.89
CA ILE A 288 -6.60 8.15 8.36
C ILE A 288 -7.80 8.90 8.92
N ARG A 289 -7.77 9.09 10.24
CA ARG A 289 -8.89 9.73 10.93
C ARG A 289 -9.12 11.13 10.38
N GLU A 290 -8.05 11.88 10.20
CA GLU A 290 -8.12 13.25 9.71
CA GLU A 290 -8.20 13.26 9.74
C GLU A 290 -8.61 13.28 8.28
N MET A 291 -8.06 12.39 7.44
CA MET A 291 -8.42 12.43 6.02
C MET A 291 -9.87 12.00 5.80
N TYR A 292 -10.37 11.05 6.59
CA TYR A 292 -11.76 10.60 6.51
C TYR A 292 -12.66 11.77 6.84
N ALA A 293 -12.33 12.49 7.89
CA ALA A 293 -13.17 13.66 8.27
C ALA A 293 -13.11 14.76 7.23
N LEU A 294 -11.94 15.06 6.70
CA LEU A 294 -11.78 16.12 5.71
C LEU A 294 -12.52 15.80 4.41
N THR A 295 -12.70 14.52 4.13
CA THR A 295 -13.40 14.09 2.90
C THR A 295 -14.81 13.62 3.17
N GLN A 296 -15.32 13.90 4.38
CA GLN A 296 -16.71 13.67 4.76
C GLN A 296 -17.08 12.21 4.61
N GLY A 297 -16.10 11.31 4.75
CA GLY A 297 -16.33 9.89 4.63
C GLY A 297 -16.71 9.39 3.24
N ARG A 298 -16.56 10.24 2.25
CA ARG A 298 -17.00 9.94 0.88
C ARG A 298 -15.90 9.42 -0.03
N VAL A 299 -14.67 9.32 0.49
CA VAL A 299 -13.51 8.93 -0.31
C VAL A 299 -12.88 7.69 0.35
N PRO A 300 -12.92 6.54 -0.32
CA PRO A 300 -12.36 5.35 0.26
C PRO A 300 -10.89 5.51 0.64
N ILE A 301 -10.55 4.98 1.79
CA ILE A 301 -9.21 4.99 2.29
C ILE A 301 -8.71 3.58 2.53
N ILE A 302 -7.50 3.33 2.04
CA ILE A 302 -6.76 2.11 2.35
C ILE A 302 -5.76 2.51 3.45
N GLY A 303 -5.95 1.94 4.63
CA GLY A 303 -5.14 2.26 5.80
C GLY A 303 -3.95 1.37 5.93
N VAL A 304 -2.77 1.97 6.11
CA VAL A 304 -1.54 1.21 6.20
C VAL A 304 -0.55 1.94 7.11
N GLY A 305 0.21 1.13 7.84
CA GLY A 305 1.26 1.59 8.75
C GLY A 305 1.14 0.90 10.08
N GLY A 306 2.01 -0.07 10.36
CA GLY A 306 2.07 -0.69 11.65
C GLY A 306 0.91 -1.65 12.00
N VAL A 307 0.25 -2.25 11.00
CA VAL A 307 -0.80 -3.24 11.26
C VAL A 307 -0.14 -4.59 11.50
N SER A 308 -0.29 -5.13 12.71
CA SER A 308 0.23 -6.48 12.99
CA SER A 308 0.25 -6.44 13.06
C SER A 308 -0.76 -7.37 13.75
N SER A 309 -1.98 -6.88 13.94
CA SER A 309 -3.02 -7.59 14.64
C SER A 309 -4.38 -7.16 14.17
N GLY A 310 -5.37 -7.93 14.55
CA GLY A 310 -6.74 -7.59 14.31
C GLY A 310 -7.14 -6.26 14.94
N GLN A 311 -6.68 -6.03 16.16
CA GLN A 311 -6.95 -4.75 16.80
C GLN A 311 -6.36 -3.61 15.98
N ASP A 312 -5.16 -3.77 15.49
CA ASP A 312 -4.56 -2.71 14.69
C ASP A 312 -5.43 -2.45 13.44
N ALA A 313 -5.84 -3.52 12.78
CA ALA A 313 -6.67 -3.39 11.60
C ALA A 313 -7.98 -2.68 11.92
N LEU A 314 -8.65 -3.13 13.00
CA LEU A 314 -9.97 -2.55 13.34
C LEU A 314 -9.86 -1.10 13.75
N GLU A 315 -8.75 -0.72 14.40
CA GLU A 315 -8.57 0.68 14.74
C GLU A 315 -8.53 1.53 13.48
N LYS A 316 -7.84 1.08 12.44
CA LYS A 316 -7.79 1.85 11.22
C LYS A 316 -9.15 1.87 10.50
N ILE A 317 -9.83 0.74 10.50
CA ILE A 317 -11.18 0.64 9.89
C ILE A 317 -12.13 1.60 10.62
N ARG A 318 -12.12 1.57 11.95
CA ARG A 318 -13.00 2.48 12.73
C ARG A 318 -12.66 3.93 12.51
N ALA A 319 -11.37 4.23 12.24
CA ALA A 319 -10.93 5.58 11.96
C ALA A 319 -11.31 6.09 10.56
N GLY A 320 -11.70 5.15 9.69
CA GLY A 320 -12.14 5.48 8.36
C GLY A 320 -11.64 4.65 7.21
N ALA A 321 -10.76 3.69 7.46
CA ALA A 321 -10.29 2.83 6.36
C ALA A 321 -11.32 1.81 5.95
N SER A 322 -11.49 1.67 4.62
CA SER A 322 -12.30 0.60 4.08
C SER A 322 -11.53 -0.73 3.91
N LEU A 323 -10.23 -0.61 3.76
CA LEU A 323 -9.33 -1.71 3.61
C LEU A 323 -8.05 -1.35 4.36
N VAL A 324 -7.26 -2.34 4.69
CA VAL A 324 -5.93 -2.13 5.27
C VAL A 324 -4.87 -2.90 4.55
N GLN A 325 -3.62 -2.48 4.72
CA GLN A 325 -2.50 -3.20 4.22
C GLN A 325 -1.43 -3.37 5.31
N LEU A 326 -0.54 -4.32 5.07
CA LEU A 326 0.64 -4.48 5.94
C LEU A 326 1.82 -4.94 5.13
N TYR A 327 3.01 -4.65 5.63
CA TYR A 327 4.25 -5.24 5.12
C TYR A 327 5.16 -5.59 6.29
N THR A 328 5.53 -4.60 7.08
CA THR A 328 6.60 -4.80 8.07
C THR A 328 6.27 -5.95 9.03
N ALA A 329 5.01 -6.14 9.40
CA ALA A 329 4.64 -7.25 10.28
C ALA A 329 5.04 -8.62 9.71
N LEU A 330 4.95 -8.76 8.39
CA LEU A 330 5.33 -10.00 7.70
C LEU A 330 6.80 -10.31 7.95
N THR A 331 7.64 -9.28 8.01
CA THR A 331 9.06 -9.45 8.17
C THR A 331 9.43 -9.94 9.58
N PHE A 332 8.57 -9.68 10.56
CA PHE A 332 8.82 -10.12 11.91
C PHE A 332 8.12 -11.42 12.23
N TRP A 333 6.85 -11.55 11.83
CA TRP A 333 5.99 -12.67 12.26
C TRP A 333 5.80 -13.70 11.18
N GLY A 334 6.19 -13.36 9.96
CA GLY A 334 6.03 -14.24 8.81
C GLY A 334 4.61 -14.40 8.31
N PRO A 335 4.42 -15.30 7.34
CA PRO A 335 3.13 -15.53 6.73
C PRO A 335 1.94 -15.78 7.69
N PRO A 336 2.17 -16.44 8.85
CA PRO A 336 1.03 -16.68 9.73
C PRO A 336 0.32 -15.40 10.22
N VAL A 337 1.00 -14.26 10.15
CA VAL A 337 0.39 -13.01 10.61
C VAL A 337 -0.87 -12.64 9.81
N VAL A 338 -0.94 -13.05 8.55
CA VAL A 338 -2.08 -12.72 7.70
C VAL A 338 -3.38 -13.33 8.28
N GLY A 339 -3.36 -14.64 8.44
CA GLY A 339 -4.47 -15.34 9.08
C GLY A 339 -4.77 -14.83 10.47
N LYS A 340 -3.72 -14.55 11.24
CA LYS A 340 -3.90 -14.02 12.58
C LYS A 340 -4.69 -12.69 12.57
N VAL A 341 -4.29 -11.75 11.71
CA VAL A 341 -4.98 -10.48 11.62
C VAL A 341 -6.44 -10.68 11.28
N LYS A 342 -6.68 -11.56 10.30
CA LYS A 342 -8.05 -11.81 9.86
C LYS A 342 -8.93 -12.42 10.94
N ARG A 343 -8.40 -13.44 11.60
CA ARG A 343 -9.14 -14.16 12.65
C ARG A 343 -9.43 -13.21 13.81
N GLU A 344 -8.41 -12.44 14.20
CA GLU A 344 -8.59 -11.48 15.29
C GLU A 344 -9.61 -10.39 14.94
N LEU A 345 -9.56 -9.91 13.69
CA LEU A 345 -10.47 -8.88 13.22
C LEU A 345 -11.92 -9.35 13.29
N GLU A 346 -12.13 -10.56 12.77
CA GLU A 346 -13.46 -11.16 12.81
C GLU A 346 -13.96 -11.25 14.26
N ALA A 347 -13.14 -11.72 15.16
CA ALA A 347 -13.53 -11.86 16.58
C ALA A 347 -13.90 -10.51 17.20
N LEU A 348 -13.11 -9.47 16.90
CA LEU A 348 -13.36 -8.14 17.45
C LEU A 348 -14.61 -7.53 16.88
N LEU A 349 -14.86 -7.75 15.59
CA LEU A 349 -16.05 -7.21 14.98
C LEU A 349 -17.28 -7.79 15.69
N LYS A 350 -17.24 -9.08 15.98
CA LYS A 350 -18.38 -9.74 16.68
C LYS A 350 -18.52 -9.16 18.09
N GLU A 351 -17.41 -9.04 18.80
CA GLU A 351 -17.41 -8.52 20.16
C GLU A 351 -17.96 -7.12 20.23
N GLN A 352 -17.69 -6.32 19.21
CA GLN A 352 -18.10 -4.92 19.23
C GLN A 352 -19.44 -4.66 18.54
N GLY A 353 -20.13 -5.73 18.16
CA GLY A 353 -21.50 -5.68 17.65
C GLY A 353 -21.62 -5.25 16.19
N PHE A 354 -20.53 -5.38 15.43
CA PHE A 354 -20.61 -5.10 14.01
C PHE A 354 -21.03 -6.34 13.23
N GLY A 355 -21.93 -6.16 12.27
CA GLY A 355 -22.32 -7.24 11.39
C GLY A 355 -21.21 -7.65 10.43
N GLY A 356 -20.34 -6.72 10.10
CA GLY A 356 -19.22 -7.01 9.22
C GLY A 356 -18.28 -5.84 9.19
N VAL A 357 -17.20 -5.96 8.42
CA VAL A 357 -16.28 -4.88 8.21
C VAL A 357 -16.96 -3.64 7.76
N THR A 358 -17.89 -3.76 6.80
CA THR A 358 -18.51 -2.58 6.25
C THR A 358 -19.16 -1.69 7.31
N ASP A 359 -19.80 -2.32 8.30
CA ASP A 359 -20.49 -1.61 9.37
C ASP A 359 -19.54 -0.81 10.28
N ALA A 360 -18.30 -1.28 10.34
CA ALA A 360 -17.28 -0.67 11.21
C ALA A 360 -16.52 0.48 10.57
N ILE A 361 -16.56 0.61 9.23
CA ILE A 361 -15.86 1.68 8.54
C ILE A 361 -16.30 3.06 9.02
N GLY A 362 -15.36 3.77 9.62
CA GLY A 362 -15.62 5.10 10.10
C GLY A 362 -16.45 5.15 11.38
N ALA A 363 -16.61 4.03 12.07
CA ALA A 363 -17.53 3.95 13.27
C ALA A 363 -17.15 4.95 14.33
N ASP A 364 -15.85 5.29 14.46
CA ASP A 364 -15.45 6.24 15.55
C ASP A 364 -16.02 7.63 15.32
N HIS A 365 -16.28 7.98 14.06
CA HIS A 365 -16.73 9.32 13.74
C HIS A 365 -18.22 9.51 14.03
N ARG A 366 -18.92 8.41 14.25
CA ARG A 366 -20.39 8.41 14.51
C ARG A 366 -20.77 8.29 15.98
N ARG A 367 -19.82 7.95 16.86
CA ARG A 367 -20.12 7.82 18.29
C ARG A 367 -20.11 9.17 19.04
N1 FMN B . 5.40 2.15 -0.50
C2 FMN B . 5.14 2.48 -1.78
O2 FMN B . 4.16 3.13 -2.06
N3 FMN B . 6.06 2.04 -2.74
C4 FMN B . 7.19 1.32 -2.47
O4 FMN B . 7.90 0.96 -3.43
C4A FMN B . 7.44 1.02 -1.15
N5 FMN B . 8.58 0.34 -0.76
C5A FMN B . 8.75 -0.08 0.53
C6 FMN B . 9.83 -0.89 0.86
C7 FMN B . 10.01 -1.36 2.15
C7M FMN B . 11.19 -2.26 2.49
C8 FMN B . 9.06 -1.04 3.12
C8M FMN B . 9.17 -1.51 4.57
C9 FMN B . 7.98 -0.23 2.78
C9A FMN B . 7.80 0.25 1.51
N10 FMN B . 6.74 1.10 1.16
C10 FMN B . 6.52 1.45 -0.17
C1' FMN B . 5.78 1.55 2.17
C2' FMN B . 4.76 0.49 2.56
O2' FMN B . 3.84 0.21 1.44
C3' FMN B . 3.84 0.98 3.69
O3' FMN B . 3.15 2.20 3.29
C4' FMN B . 4.64 1.23 4.98
O4' FMN B . 5.79 0.37 5.10
C5' FMN B . 3.76 1.13 6.23
O5' FMN B . 3.18 -0.15 6.41
P FMN B . 3.91 -1.24 7.37
O1P FMN B . 2.89 -2.34 7.48
O2P FMN B . 4.18 -0.50 8.73
O3P FMN B . 5.18 -1.76 6.72
N1 ORO C . 10.38 3.24 0.40
C2 ORO C . 9.29 3.65 1.12
O2 ORO C . 9.27 3.53 2.33
N3 ORO C . 8.19 4.16 0.47
C4 ORO C . 8.18 4.29 -0.89
O4 ORO C . 7.15 4.79 -1.38
C5 ORO C . 9.31 3.88 -1.65
C6 ORO C . 10.37 3.38 -0.98
C7 ORO C . 11.64 3.06 -1.70
O71 ORO C . 11.67 2.61 -2.84
O72 ORO C . 12.64 3.53 -1.11
S SO4 D . -11.30 -4.70 -24.58
O1 SO4 D . -12.62 -4.93 -24.03
O2 SO4 D . -11.32 -4.96 -26.01
O3 SO4 D . -10.96 -3.33 -24.25
O4 SO4 D . -10.36 -5.61 -23.92
S SO4 E . 16.03 -5.61 -7.36
O1 SO4 E . 14.83 -6.02 -6.61
O2 SO4 E . 15.97 -4.26 -7.92
O3 SO4 E . 17.19 -5.71 -6.48
O4 SO4 E . 16.19 -6.57 -8.46
CL CL F . -4.50 -4.51 -22.21
CLD AVQ G . 7.67 -15.06 3.75
CAQ AVQ G . 9.35 -15.09 4.09
CAF AVQ G . 10.14 -16.12 3.57
CAE AVQ G . 11.51 -16.13 3.82
CAO AVQ G . 12.06 -15.11 4.60
CLC AVQ G . 13.74 -15.06 4.96
CAH AVQ G . 11.27 -14.09 5.11
CAR AVQ G . 9.91 -14.06 4.85
CAI AVQ G . 9.11 -12.90 5.46
SAM AVQ G . 8.48 -11.76 4.21
CAS AVQ G . 9.78 -10.63 4.27
NAK AVQ G . 9.80 -9.54 3.52
NAL AVQ G . 10.84 -10.66 5.09
NAU AVQ G . 11.49 -9.62 4.86
CAT AVQ G . 10.84 -8.85 3.87
NAJ AVQ G . 11.36 -7.69 3.46
CAN AVQ G . 12.49 -7.20 3.99
CAA AVQ G . 13.05 -5.87 3.49
CAG AVQ G . 13.19 -7.92 4.97
CAP AVQ G . 12.67 -9.12 5.41
OAB AVQ G . 13.28 -9.85 6.36
C ACT H . -5.32 7.15 17.89
O ACT H . -5.87 7.49 18.94
OXT ACT H . -6.04 7.11 16.82
CH3 ACT H . -3.88 6.87 17.87
C ACT I . -8.42 -7.23 -13.48
O ACT I . -8.36 -8.27 -14.16
OXT ACT I . -9.56 -6.91 -13.04
CH3 ACT I . -7.18 -6.40 -13.30
#